data_2PVX
#
_entry.id   2PVX
#
_cell.length_a   45.260
_cell.length_b   45.840
_cell.length_c   95.080
_cell.angle_alpha   90.00
_cell.angle_beta   98.43
_cell.angle_gamma   90.00
#
_symmetry.space_group_name_H-M   'P 1 21 1'
#
loop_
_entity.id
_entity.type
_entity.pdbx_description
1 polymer Rubredoxin
2 non-polymer 'ZINC ION'
3 water water
#
_entity_poly.entity_id   1
_entity_poly.type   'polypeptide(L)'
_entity_poly.pdbx_seq_one_letter_code
;MKKWVCTVCGYIYDEDAGDPDNGISPGTKFEELPDDWVCPLCGVGKDQFEKLED
;
_entity_poly.pdbx_strand_id   A,B,C,D,E,F,G,H
#
# COMPACT_ATOMS: atom_id res chain seq x y z
N MET A 1 14.13 -12.11 -13.86
CA MET A 1 13.39 -10.82 -14.01
C MET A 1 12.99 -10.39 -12.64
N LYS A 2 12.09 -9.43 -12.51
CA LYS A 2 11.76 -8.83 -11.26
C LYS A 2 10.45 -9.35 -10.73
N LYS A 3 10.30 -9.12 -9.44
CA LYS A 3 9.12 -9.46 -8.71
C LYS A 3 8.54 -8.22 -8.07
N TRP A 4 7.20 -8.20 -7.93
CA TRP A 4 6.43 -7.11 -7.39
C TRP A 4 5.43 -7.66 -6.38
N VAL A 5 5.25 -6.99 -5.25
CA VAL A 5 4.34 -7.46 -4.22
C VAL A 5 3.07 -6.60 -4.19
N CYS A 6 1.96 -7.30 -4.11
CA CYS A 6 0.66 -6.68 -3.84
C CYS A 6 0.63 -6.17 -2.40
N THR A 7 0.53 -4.87 -2.20
CA THR A 7 0.55 -4.31 -0.85
C THR A 7 -0.76 -4.51 -0.14
N VAL A 8 -1.75 -5.06 -0.81
CA VAL A 8 -3.01 -5.40 -0.15
C VAL A 8 -3.00 -6.82 0.37
N CYS A 9 -2.67 -7.82 -0.47
CA CYS A 9 -2.77 -9.22 -0.07
C CYS A 9 -1.47 -9.99 -0.04
N GLY A 10 -0.37 -9.41 -0.49
CA GLY A 10 0.92 -10.07 -0.49
C GLY A 10 1.20 -10.93 -1.68
N TYR A 11 0.28 -11.06 -2.64
CA TYR A 11 0.57 -11.80 -3.84
C TYR A 11 1.85 -11.26 -4.50
N ILE A 12 2.69 -12.15 -4.95
CA ILE A 12 3.88 -11.79 -5.72
C ILE A 12 3.64 -11.98 -7.19
N TYR A 13 3.67 -10.90 -7.94
CA TYR A 13 3.74 -10.95 -9.39
C TYR A 13 5.18 -11.16 -9.75
N ASP A 14 5.49 -12.30 -10.35
CA ASP A 14 6.80 -12.68 -10.77
C ASP A 14 6.88 -12.52 -12.29
N GLU A 15 7.67 -11.59 -12.79
CA GLU A 15 7.76 -11.41 -14.22
C GLU A 15 8.14 -12.67 -14.95
N ASP A 16 8.99 -13.50 -14.35
CA ASP A 16 9.36 -14.75 -15.02
C ASP A 16 8.18 -15.68 -15.20
N ALA A 17 7.21 -15.62 -14.29
CA ALA A 17 6.03 -16.48 -14.36
C ALA A 17 4.91 -15.88 -15.20
N GLY A 18 4.83 -14.54 -15.24
CA GLY A 18 3.66 -13.92 -15.77
C GLY A 18 2.40 -14.30 -15.03
N ASP A 19 1.30 -14.39 -15.74
CA ASP A 19 -0.02 -14.69 -15.16
C ASP A 19 -0.85 -15.25 -16.33
N PRO A 20 -0.43 -16.41 -16.82
CA PRO A 20 -0.99 -16.90 -18.08
C PRO A 20 -2.46 -17.21 -18.05
N ASP A 21 -3.00 -17.61 -16.90
CA ASP A 21 -4.43 -17.87 -16.76
C ASP A 21 -5.26 -16.60 -17.00
N ASN A 22 -4.63 -15.43 -16.86
CA ASN A 22 -5.25 -14.12 -17.04
C ASN A 22 -4.64 -13.43 -18.26
N GLY A 23 -4.08 -14.16 -19.19
CA GLY A 23 -3.66 -13.61 -20.45
C GLY A 23 -2.25 -13.06 -20.50
N ILE A 24 -1.47 -13.31 -19.45
CA ILE A 24 -0.14 -12.70 -19.35
C ILE A 24 0.95 -13.75 -19.49
N SER A 25 1.67 -13.70 -20.59
CA SER A 25 2.74 -14.68 -20.82
C SER A 25 3.83 -14.56 -19.79
N PRO A 26 4.48 -15.66 -19.48
CA PRO A 26 5.77 -15.56 -18.79
C PRO A 26 6.70 -14.57 -19.46
N GLY A 27 7.46 -13.83 -18.68
CA GLY A 27 8.43 -12.87 -19.08
C GLY A 27 7.85 -11.47 -19.31
N THR A 28 6.58 -11.24 -18.98
CA THR A 28 5.98 -9.92 -19.16
C THR A 28 6.39 -9.02 -18.00
N LYS A 29 7.10 -7.95 -18.36
CA LYS A 29 7.46 -6.93 -17.37
C LYS A 29 6.26 -6.31 -16.74
N PHE A 30 6.34 -5.94 -15.46
CA PHE A 30 5.19 -5.32 -14.80
C PHE A 30 4.67 -4.11 -15.55
N GLU A 31 5.64 -3.31 -16.03
CA GLU A 31 5.28 -2.10 -16.76
C GLU A 31 4.44 -2.39 -17.99
N GLU A 32 4.58 -3.57 -18.55
CA GLU A 32 3.87 -3.89 -19.78
C GLU A 32 2.57 -4.66 -19.54
N LEU A 33 2.25 -4.90 -18.24
CA LEU A 33 0.93 -5.47 -17.97
C LEU A 33 -0.16 -4.51 -18.48
N PRO A 34 -1.26 -5.04 -19.03
CA PRO A 34 -2.34 -4.13 -19.44
C PRO A 34 -2.78 -3.23 -18.31
N ASP A 35 -3.23 -2.01 -18.60
CA ASP A 35 -3.63 -1.01 -17.62
C ASP A 35 -4.70 -1.56 -16.67
N ASP A 36 -5.50 -2.51 -17.15
CA ASP A 36 -6.55 -3.01 -16.28
C ASP A 36 -6.33 -4.42 -15.74
N TRP A 37 -5.08 -4.87 -15.85
CA TRP A 37 -4.69 -6.06 -15.12
C TRP A 37 -4.81 -5.82 -13.63
N VAL A 38 -5.23 -6.82 -12.89
CA VAL A 38 -5.40 -6.65 -11.45
C VAL A 38 -4.74 -7.84 -10.76
N CYS A 39 -4.53 -7.65 -9.44
CA CYS A 39 -4.01 -8.73 -8.64
C CYS A 39 -4.91 -9.96 -8.80
N PRO A 40 -4.33 -11.10 -9.13
CA PRO A 40 -5.16 -12.26 -9.38
C PRO A 40 -5.80 -12.85 -8.14
N LEU A 41 -5.39 -12.42 -6.95
CA LEU A 41 -5.97 -12.90 -5.68
C LEU A 41 -6.93 -11.90 -5.04
N CYS A 42 -6.62 -10.60 -5.05
CA CYS A 42 -7.48 -9.63 -4.34
C CYS A 42 -8.15 -8.63 -5.24
N GLY A 43 -7.75 -8.55 -6.53
CA GLY A 43 -8.35 -7.68 -7.50
C GLY A 43 -7.97 -6.22 -7.48
N VAL A 44 -7.02 -5.79 -6.71
CA VAL A 44 -6.57 -4.39 -6.73
C VAL A 44 -5.70 -4.16 -7.96
N GLY A 45 -5.53 -2.88 -8.31
CA GLY A 45 -4.82 -2.51 -9.53
C GLY A 45 -3.33 -2.40 -9.35
N LYS A 46 -2.66 -2.15 -10.46
CA LYS A 46 -1.23 -2.08 -10.57
C LYS A 46 -0.63 -1.04 -9.59
N ASP A 47 -1.35 0.02 -9.31
CA ASP A 47 -0.83 1.06 -8.44
C ASP A 47 -0.53 0.60 -7.02
N GLN A 48 -1.12 -0.53 -6.67
CA GLN A 48 -0.92 -1.06 -5.34
C GLN A 48 0.21 -2.07 -5.20
N PHE A 49 0.97 -2.29 -6.26
CA PHE A 49 2.14 -3.16 -6.24
C PHE A 49 3.43 -2.36 -6.05
N GLU A 50 4.35 -2.98 -5.32
CA GLU A 50 5.68 -2.40 -5.09
C GLU A 50 6.74 -3.38 -5.57
N LYS A 51 7.73 -2.88 -6.29
CA LYS A 51 8.80 -3.66 -6.83
C LYS A 51 9.72 -4.16 -5.73
N LEU A 52 10.10 -5.43 -5.77
CA LEU A 52 10.97 -5.95 -4.72
C LEU A 52 12.34 -5.37 -4.89
N GLU A 53 12.98 -5.10 -3.75
CA GLU A 53 14.34 -4.55 -3.74
C GLU A 53 15.26 -5.44 -2.95
N MET B 1 -11.07 20.04 9.13
CA MET B 1 -9.90 19.69 8.23
C MET B 1 -9.99 18.25 7.69
N LYS B 2 -8.97 17.68 7.08
CA LYS B 2 -9.02 16.41 6.36
C LYS B 2 -8.57 15.25 7.20
N LYS B 3 -8.88 14.07 6.74
CA LYS B 3 -8.48 12.81 7.36
C LYS B 3 -7.73 11.94 6.33
N TRP B 4 -6.83 11.15 6.85
CA TRP B 4 -5.97 10.31 6.05
C TRP B 4 -5.92 8.92 6.70
N VAL B 5 -5.97 7.87 5.91
CA VAL B 5 -5.93 6.51 6.43
C VAL B 5 -4.57 5.87 6.19
N CYS B 6 -4.08 5.19 7.21
CA CYS B 6 -2.91 4.34 7.10
C CYS B 6 -3.28 3.07 6.33
N THR B 7 -2.60 2.86 5.20
CA THR B 7 -2.94 1.69 4.37
C THR B 7 -2.34 0.42 4.91
N VAL B 8 -1.59 0.49 6.00
CA VAL B 8 -1.07 -0.68 6.68
C VAL B 8 -1.98 -1.19 7.79
N CYS B 9 -2.39 -0.27 8.69
CA CYS B 9 -3.13 -0.65 9.85
C CYS B 9 -4.51 -0.01 9.94
N GLY B 10 -4.86 0.94 9.09
CA GLY B 10 -6.17 1.53 9.18
C GLY B 10 -6.33 2.72 10.12
N TYR B 11 -5.28 3.13 10.86
CA TYR B 11 -5.32 4.32 11.66
C TYR B 11 -5.76 5.52 10.81
N ILE B 12 -6.63 6.35 11.37
CA ILE B 12 -7.03 7.60 10.75
C ILE B 12 -6.30 8.77 11.42
N TYR B 13 -5.45 9.40 10.64
CA TYR B 13 -4.85 10.68 10.99
C TYR B 13 -5.85 11.77 10.71
N ASP B 14 -6.26 12.51 11.72
CA ASP B 14 -7.26 13.57 11.60
C ASP B 14 -6.51 14.88 11.78
N GLU B 15 -6.47 15.69 10.77
CA GLU B 15 -5.70 16.96 10.84
C GLU B 15 -6.20 17.81 11.98
N ASP B 16 -7.51 17.84 12.25
CA ASP B 16 -7.97 18.68 13.35
C ASP B 16 -7.38 18.19 14.67
N ALA B 17 -7.22 16.88 14.82
CA ALA B 17 -6.68 16.33 16.06
C ALA B 17 -5.17 16.43 16.14
N GLY B 18 -4.52 16.39 14.99
CA GLY B 18 -3.08 16.23 15.04
C GLY B 18 -2.69 14.91 15.73
N ASP B 19 -1.49 14.95 16.36
CA ASP B 19 -0.95 13.78 17.03
C ASP B 19 -0.06 14.30 18.15
N PRO B 20 -0.64 14.98 19.13
CA PRO B 20 0.17 15.78 20.06
C PRO B 20 1.07 14.97 20.95
N ASP B 21 0.73 13.71 21.28
CA ASP B 21 1.67 12.94 22.13
C ASP B 21 2.85 12.44 21.33
N ASN B 22 2.85 12.65 20.05
CA ASN B 22 3.97 12.34 19.20
C ASN B 22 4.47 13.61 18.51
N GLY B 23 4.22 14.74 19.14
CA GLY B 23 4.84 16.01 18.78
C GLY B 23 4.08 16.88 17.80
N ILE B 24 2.90 16.47 17.38
CA ILE B 24 2.17 17.17 16.29
C ILE B 24 0.97 17.88 16.82
N SER B 25 1.01 19.22 16.68
CA SER B 25 -0.08 20.03 17.15
C SER B 25 -1.39 19.74 16.45
N PRO B 26 -2.51 19.87 17.16
CA PRO B 26 -3.81 19.85 16.49
C PRO B 26 -3.81 20.90 15.38
N GLY B 27 -4.44 20.53 14.25
CA GLY B 27 -4.59 21.50 13.15
C GLY B 27 -3.46 21.35 12.15
N THR B 28 -2.62 20.35 12.28
CA THR B 28 -1.48 20.16 11.36
C THR B 28 -1.95 19.42 10.12
N LYS B 29 -1.89 20.06 8.95
CA LYS B 29 -2.18 19.37 7.68
C LYS B 29 -1.20 18.24 7.47
N PHE B 30 -1.69 17.18 6.84
CA PHE B 30 -0.81 16.03 6.57
C PHE B 30 0.45 16.47 5.83
N GLU B 31 0.36 17.38 4.88
CA GLU B 31 1.52 17.80 4.11
C GLU B 31 2.55 18.44 5.03
N GLU B 32 2.10 19.05 6.12
CA GLU B 32 3.03 19.78 6.95
C GLU B 32 3.62 18.85 8.03
N LEU B 33 3.25 17.59 8.01
CA LEU B 33 3.84 16.67 9.00
C LEU B 33 5.33 16.56 8.70
N PRO B 34 6.16 16.46 9.74
CA PRO B 34 7.58 16.28 9.45
C PRO B 34 7.81 15.05 8.58
N ASP B 35 8.87 15.12 7.78
CA ASP B 35 9.20 14.03 6.90
C ASP B 35 9.29 12.70 7.62
N ASP B 36 9.77 12.75 8.87
CA ASP B 36 9.94 11.49 9.59
C ASP B 36 8.78 11.13 10.51
N TRP B 37 7.64 11.75 10.34
CA TRP B 37 6.50 11.34 11.21
C TRP B 37 6.06 9.97 10.75
N VAL B 38 5.57 9.21 11.72
CA VAL B 38 5.11 7.88 11.41
C VAL B 38 3.76 7.58 12.01
N CYS B 39 3.08 6.58 11.47
CA CYS B 39 1.81 6.14 12.00
C CYS B 39 1.96 5.86 13.47
N PRO B 40 1.12 6.43 14.34
CA PRO B 40 1.26 6.17 15.77
C PRO B 40 0.90 4.76 16.20
N LEU B 41 0.28 3.98 15.33
CA LEU B 41 -0.05 2.59 15.68
C LEU B 41 0.94 1.61 15.09
N CYS B 42 1.30 1.71 13.80
CA CYS B 42 2.12 0.70 13.17
C CYS B 42 3.53 1.15 12.85
N GLY B 43 3.80 2.45 12.87
CA GLY B 43 5.12 2.97 12.63
C GLY B 43 5.51 3.18 11.19
N VAL B 44 4.60 2.94 10.27
CA VAL B 44 4.96 3.21 8.87
C VAL B 44 5.01 4.68 8.59
N GLY B 45 5.69 5.08 7.51
CA GLY B 45 5.83 6.50 7.16
C GLY B 45 4.65 7.05 6.37
N LYS B 46 4.78 8.35 6.11
CA LYS B 46 3.73 9.15 5.49
C LYS B 46 3.33 8.64 4.13
N ASP B 47 4.30 8.06 3.39
CA ASP B 47 3.98 7.60 2.05
C ASP B 47 2.88 6.55 2.02
N GLN B 48 2.64 5.91 3.15
CA GLN B 48 1.64 4.85 3.18
C GLN B 48 0.28 5.32 3.61
N PHE B 49 0.04 6.60 3.70
CA PHE B 49 -1.26 7.18 3.98
C PHE B 49 -1.95 7.65 2.71
N GLU B 50 -3.28 7.52 2.72
CA GLU B 50 -4.14 7.98 1.64
C GLU B 50 -5.20 8.92 2.19
N LYS B 51 -5.42 10.03 1.48
CA LYS B 51 -6.41 10.99 1.90
C LYS B 51 -7.81 10.42 1.74
N LEU B 52 -8.68 10.64 2.73
CA LEU B 52 -10.06 10.23 2.59
C LEU B 52 -10.74 11.08 1.54
N GLU B 53 -11.63 10.44 0.83
CA GLU B 53 -12.43 11.21 -0.14
C GLU B 53 -13.33 12.23 0.53
N ASP B 54 -13.63 13.31 -0.17
CA ASP B 54 -14.66 14.22 0.32
C ASP B 54 -16.01 13.50 0.09
N MET C 1 23.87 -2.74 -18.59
CA MET C 1 23.00 -2.22 -17.52
C MET C 1 22.07 -1.17 -18.13
N LYS C 2 21.33 -0.45 -17.30
CA LYS C 2 20.30 0.43 -17.79
C LYS C 2 20.77 1.89 -17.87
N LYS C 3 19.97 2.66 -18.55
CA LYS C 3 20.15 4.12 -18.69
C LYS C 3 18.86 4.81 -18.23
N TRP C 4 19.05 5.99 -17.68
CA TRP C 4 17.98 6.79 -17.10
C TRP C 4 18.09 8.22 -17.61
N VAL C 5 16.94 8.86 -17.93
CA VAL C 5 16.97 10.21 -18.45
C VAL C 5 16.45 11.16 -17.36
N CYS C 6 17.15 12.26 -17.23
CA CYS C 6 16.66 13.38 -16.40
C CYS C 6 15.49 14.09 -17.12
N THR C 7 14.32 14.08 -16.49
CA THR C 7 13.15 14.69 -17.13
C THR C 7 13.18 16.20 -17.11
N VAL C 8 14.17 16.78 -16.46
CA VAL C 8 14.31 18.24 -16.42
C VAL C 8 15.23 18.68 -17.54
N CYS C 9 16.41 18.09 -17.65
CA CYS C 9 17.39 18.59 -18.60
C CYS C 9 17.84 17.62 -19.67
N GLY C 10 17.44 16.36 -19.57
CA GLY C 10 17.78 15.37 -20.58
C GLY C 10 19.07 14.64 -20.36
N TYR C 11 19.82 14.95 -19.32
CA TYR C 11 21.02 14.18 -19.01
C TYR C 11 20.71 12.67 -18.93
N ILE C 12 21.58 11.86 -19.52
CA ILE C 12 21.47 10.41 -19.40
C ILE C 12 22.46 9.89 -18.37
N TYR C 13 21.92 9.30 -17.29
CA TYR C 13 22.71 8.53 -16.33
C TYR C 13 22.81 7.10 -16.90
N ASP C 14 24.03 6.66 -17.16
CA ASP C 14 24.30 5.33 -17.64
C ASP C 14 24.89 4.52 -16.48
N GLU C 15 24.17 3.51 -16.08
CA GLU C 15 24.63 2.69 -14.96
C GLU C 15 26.00 2.10 -15.23
N ASP C 16 26.34 1.79 -16.48
CA ASP C 16 27.65 1.25 -16.78
C ASP C 16 28.74 2.25 -16.40
N ALA C 17 28.45 3.54 -16.62
CA ALA C 17 29.47 4.59 -16.36
C ALA C 17 29.51 5.03 -14.93
N GLY C 18 28.42 4.99 -14.19
CA GLY C 18 28.38 5.65 -12.93
C GLY C 18 28.74 7.13 -13.06
N ASP C 19 29.45 7.63 -12.05
CA ASP C 19 29.94 9.03 -12.11
C ASP C 19 31.10 9.08 -11.10
N PRO C 20 32.21 8.51 -11.54
CA PRO C 20 33.32 8.24 -10.62
C PRO C 20 34.00 9.40 -9.92
N ASP C 21 34.05 10.50 -10.63
CA ASP C 21 34.75 11.64 -9.96
C ASP C 21 33.87 12.19 -8.86
N ASN C 22 32.60 11.76 -8.76
CA ASN C 22 31.62 12.22 -7.78
C ASN C 22 31.18 11.11 -6.85
N GLY C 23 32.06 10.11 -6.77
CA GLY C 23 31.91 9.10 -5.77
C GLY C 23 31.05 7.94 -6.15
N ILE C 24 30.58 7.84 -7.39
CA ILE C 24 29.68 6.81 -7.87
C ILE C 24 30.43 5.88 -8.82
N SER C 25 30.75 4.66 -8.34
CA SER C 25 31.49 3.70 -9.14
C SER C 25 30.72 3.30 -10.38
N PRO C 26 31.48 2.97 -11.44
CA PRO C 26 30.84 2.38 -12.62
C PRO C 26 30.05 1.15 -12.20
N GLY C 27 28.95 0.88 -12.87
CA GLY C 27 28.12 -0.26 -12.61
C GLY C 27 27.16 -0.05 -11.43
N THR C 28 26.94 1.18 -11.02
CA THR C 28 25.98 1.47 -9.95
C THR C 28 24.56 1.60 -10.54
N LYS C 29 23.73 0.67 -10.14
CA LYS C 29 22.33 0.72 -10.54
C LYS C 29 21.68 1.98 -10.00
N PHE C 30 20.77 2.57 -10.75
CA PHE C 30 20.13 3.80 -10.36
C PHE C 30 19.53 3.65 -8.96
N GLU C 31 18.90 2.52 -8.67
CA GLU C 31 18.32 2.36 -7.33
C GLU C 31 19.35 2.41 -6.21
N GLU C 32 20.58 2.05 -6.52
CA GLU C 32 21.63 2.05 -5.50
C GLU C 32 22.34 3.36 -5.39
N LEU C 33 22.02 4.36 -6.21
CA LEU C 33 22.62 5.66 -6.04
C LEU C 33 22.23 6.20 -4.66
N PRO C 34 23.06 6.99 -4.02
CA PRO C 34 22.64 7.58 -2.72
C PRO C 34 21.30 8.31 -2.81
N ASP C 35 20.52 8.25 -1.74
CA ASP C 35 19.21 8.92 -1.77
C ASP C 35 19.31 10.37 -2.17
N ASP C 36 20.39 11.03 -1.85
CA ASP C 36 20.56 12.44 -2.14
C ASP C 36 21.39 12.72 -3.40
N TRP C 37 21.64 11.73 -4.23
CA TRP C 37 22.31 11.95 -5.51
C TRP C 37 21.49 12.86 -6.39
N VAL C 38 22.19 13.70 -7.13
CA VAL C 38 21.50 14.63 -8.01
C VAL C 38 22.04 14.63 -9.44
N CYS C 39 21.22 15.07 -10.38
CA CYS C 39 21.62 15.20 -11.77
C CYS C 39 22.86 16.08 -11.85
N PRO C 40 23.92 15.60 -12.52
CA PRO C 40 25.10 16.42 -12.69
C PRO C 40 24.89 17.72 -13.47
N LEU C 41 23.86 17.82 -14.28
CA LEU C 41 23.69 19.04 -15.06
C LEU C 41 22.73 20.02 -14.42
N CYS C 42 21.60 19.58 -13.90
CA CYS C 42 20.59 20.52 -13.41
C CYS C 42 20.38 20.42 -11.91
N GLY C 43 20.92 19.46 -11.21
CA GLY C 43 20.84 19.37 -9.77
C GLY C 43 19.58 18.76 -9.22
N VAL C 44 18.66 18.29 -10.06
CA VAL C 44 17.43 17.66 -9.52
C VAL C 44 17.74 16.28 -8.97
N GLY C 45 16.79 15.81 -8.15
CA GLY C 45 16.94 14.51 -7.50
C GLY C 45 16.48 13.30 -8.33
N LYS C 46 16.75 12.12 -7.75
CA LYS C 46 16.46 10.88 -8.39
C LYS C 46 15.04 10.76 -8.85
N ASP C 47 14.10 11.35 -8.14
CA ASP C 47 12.70 11.19 -8.42
C ASP C 47 12.37 11.69 -9.81
N GLN C 48 13.22 12.55 -10.38
CA GLN C 48 12.92 13.13 -11.66
C GLN C 48 13.54 12.41 -12.84
N PHE C 49 14.12 11.23 -12.60
CA PHE C 49 14.67 10.41 -13.66
C PHE C 49 13.68 9.32 -14.06
N GLU C 50 13.71 8.97 -15.35
CA GLU C 50 12.92 7.89 -15.91
C GLU C 50 13.82 6.90 -16.61
N LYS C 51 13.56 5.61 -16.39
CA LYS C 51 14.34 4.56 -17.01
C LYS C 51 14.07 4.48 -18.47
N LEU C 52 15.13 4.34 -19.28
CA LEU C 52 14.95 4.16 -20.70
C LEU C 52 14.37 2.78 -20.98
N GLU C 53 13.52 2.72 -22.01
CA GLU C 53 12.99 1.45 -22.48
C GLU C 53 14.11 0.52 -22.94
N ASP C 54 13.94 -0.77 -22.75
CA ASP C 54 14.79 -1.81 -23.20
C ASP C 54 14.83 -1.86 -24.74
N MET D 1 -9.85 26.05 -4.28
CA MET D 1 -9.38 24.73 -4.72
C MET D 1 -7.95 24.74 -5.17
N LYS D 2 -7.41 23.65 -5.75
CA LYS D 2 -6.00 23.51 -5.92
C LYS D 2 -5.63 23.65 -7.38
N LYS D 3 -4.36 23.90 -7.57
CA LYS D 3 -3.72 24.06 -8.86
C LYS D 3 -2.65 22.98 -9.01
N TRP D 4 -2.46 22.56 -10.24
CA TRP D 4 -1.53 21.49 -10.61
C TRP D 4 -0.72 21.97 -11.80
N VAL D 5 0.57 21.73 -11.82
CA VAL D 5 1.44 22.16 -12.89
C VAL D 5 1.87 20.98 -13.75
N CYS D 6 1.79 21.22 -15.08
CA CYS D 6 2.34 20.28 -16.05
C CYS D 6 3.87 20.36 -15.99
N THR D 7 4.51 19.28 -15.64
CA THR D 7 5.95 19.23 -15.52
C THR D 7 6.63 19.19 -16.87
N VAL D 8 5.88 19.10 -17.95
CA VAL D 8 6.49 19.14 -19.28
C VAL D 8 6.52 20.58 -19.78
N CYS D 9 5.41 21.29 -19.71
CA CYS D 9 5.34 22.59 -20.35
C CYS D 9 4.98 23.78 -19.44
N GLY D 10 4.69 23.51 -18.19
CA GLY D 10 4.32 24.56 -17.26
C GLY D 10 2.89 24.95 -17.21
N TYR D 11 2.01 24.36 -17.98
CA TYR D 11 0.62 24.69 -17.93
C TYR D 11 0.06 24.47 -16.53
N ILE D 12 -0.74 25.36 -16.02
CA ILE D 12 -1.41 25.19 -14.76
C ILE D 12 -2.87 24.82 -14.93
N TYR D 13 -3.22 23.62 -14.45
CA TYR D 13 -4.59 23.22 -14.34
C TYR D 13 -5.12 23.77 -13.01
N ASP D 14 -6.16 24.61 -13.09
CA ASP D 14 -6.78 25.15 -11.90
C ASP D 14 -8.12 24.46 -11.69
N GLU D 15 -8.25 23.73 -10.59
CA GLU D 15 -9.50 23.05 -10.26
C GLU D 15 -10.67 24.03 -10.27
N ASP D 16 -10.44 25.28 -9.84
CA ASP D 16 -11.50 26.28 -9.87
C ASP D 16 -11.99 26.59 -11.28
N ALA D 17 -11.17 26.44 -12.29
CA ALA D 17 -11.58 26.71 -13.66
C ALA D 17 -12.19 25.50 -14.37
N GLY D 18 -11.80 24.33 -13.92
CA GLY D 18 -12.11 23.14 -14.72
C GLY D 18 -11.51 23.23 -16.12
N ASP D 19 -12.06 22.59 -17.16
CA ASP D 19 -11.59 22.62 -18.54
C ASP D 19 -12.83 22.51 -19.41
N PRO D 20 -13.56 23.61 -19.45
CA PRO D 20 -14.89 23.54 -20.02
C PRO D 20 -14.95 23.10 -21.50
N ASP D 21 -13.96 23.41 -22.30
CA ASP D 21 -13.60 23.05 -23.67
C ASP D 21 -13.63 21.53 -23.84
N ASN D 22 -13.54 20.78 -22.74
CA ASN D 22 -13.78 19.35 -22.81
C ASN D 22 -14.85 18.83 -21.88
N GLY D 23 -15.84 19.63 -21.56
CA GLY D 23 -16.88 19.38 -20.60
C GLY D 23 -16.36 19.01 -19.22
N ILE D 24 -15.24 19.55 -18.82
CA ILE D 24 -14.85 19.48 -17.41
C ILE D 24 -15.33 20.74 -16.73
N SER D 25 -16.38 20.70 -15.92
CA SER D 25 -16.92 21.95 -15.37
C SER D 25 -16.02 22.55 -14.28
N PRO D 26 -16.13 23.85 -14.05
CA PRO D 26 -15.41 24.52 -12.96
C PRO D 26 -15.63 23.75 -11.68
N GLY D 27 -14.58 23.69 -10.87
CA GLY D 27 -14.58 23.00 -9.60
C GLY D 27 -14.27 21.51 -9.63
N THR D 28 -13.75 21.06 -10.77
CA THR D 28 -13.43 19.62 -10.85
C THR D 28 -12.04 19.31 -10.28
N LYS D 29 -11.98 18.53 -9.21
CA LYS D 29 -10.70 18.09 -8.65
C LYS D 29 -9.88 17.35 -9.69
N PHE D 30 -8.55 17.52 -9.60
CA PHE D 30 -7.66 16.87 -10.57
C PHE D 30 -7.86 15.37 -10.61
N GLU D 31 -8.01 14.80 -9.43
CA GLU D 31 -8.19 13.36 -9.40
C GLU D 31 -9.46 12.94 -10.13
N GLU D 32 -10.45 13.81 -10.25
CA GLU D 32 -11.69 13.51 -10.92
C GLU D 32 -11.67 13.80 -12.40
N LEU D 33 -10.53 14.29 -12.88
CA LEU D 33 -10.44 14.38 -14.33
C LEU D 33 -10.47 12.95 -14.91
N PRO D 34 -11.04 12.82 -16.08
CA PRO D 34 -11.01 11.50 -16.74
C PRO D 34 -9.58 11.02 -16.85
N ASP D 35 -9.39 9.72 -16.73
CA ASP D 35 -8.09 9.09 -16.78
C ASP D 35 -7.37 9.46 -18.08
N ASP D 36 -8.06 9.75 -19.18
CA ASP D 36 -7.36 10.10 -20.39
C ASP D 36 -7.31 11.59 -20.70
N TRP D 37 -7.62 12.44 -19.71
CA TRP D 37 -7.45 13.87 -19.89
C TRP D 37 -5.98 14.20 -20.10
N VAL D 38 -5.73 15.16 -20.95
CA VAL D 38 -4.36 15.54 -21.26
C VAL D 38 -4.17 17.06 -21.09
N CYS D 39 -2.89 17.42 -20.92
CA CYS D 39 -2.53 18.83 -20.90
C CYS D 39 -2.97 19.51 -22.17
N PRO D 40 -3.68 20.62 -22.09
CA PRO D 40 -4.09 21.31 -23.32
C PRO D 40 -2.96 21.95 -24.13
N LEU D 41 -1.77 22.11 -23.58
CA LEU D 41 -0.69 22.70 -24.36
C LEU D 41 0.29 21.70 -24.95
N CYS D 42 0.64 20.66 -24.22
CA CYS D 42 1.61 19.72 -24.70
C CYS D 42 1.06 18.33 -24.91
N GLY D 43 -0.13 18.00 -24.43
CA GLY D 43 -0.73 16.73 -24.69
C GLY D 43 -0.31 15.61 -23.78
N VAL D 44 0.50 15.82 -22.75
CA VAL D 44 0.86 14.74 -21.82
C VAL D 44 -0.28 14.44 -20.89
N GLY D 45 -0.23 13.25 -20.26
CA GLY D 45 -1.28 12.82 -19.38
C GLY D 45 -1.13 13.30 -17.94
N LYS D 46 -2.13 12.89 -17.15
CA LYS D 46 -2.25 13.31 -15.76
C LYS D 46 -1.05 12.94 -14.94
N ASP D 47 -0.36 11.86 -15.22
CA ASP D 47 0.80 11.44 -14.46
C ASP D 47 1.94 12.44 -14.44
N GLN D 48 1.96 13.36 -15.40
CA GLN D 48 3.01 14.33 -15.46
C GLN D 48 2.70 15.65 -14.79
N PHE D 49 1.60 15.76 -14.06
CA PHE D 49 1.23 16.92 -13.31
C PHE D 49 1.57 16.78 -11.83
N GLU D 50 2.00 17.87 -11.21
CA GLU D 50 2.32 17.96 -9.81
C GLU D 50 1.44 19.00 -9.12
N LYS D 51 0.90 18.65 -7.97
CA LYS D 51 0.05 19.54 -7.22
C LYS D 51 0.91 20.67 -6.67
N LEU D 52 0.41 21.90 -6.74
CA LEU D 52 1.16 23.01 -6.17
C LEU D 52 1.17 22.87 -4.65
N GLU D 53 2.32 23.27 -4.07
CA GLU D 53 2.53 23.23 -2.65
C GLU D 53 3.08 24.56 -2.12
N ASP D 54 2.38 25.06 -1.12
CA ASP D 54 2.84 26.27 -0.45
C ASP D 54 3.99 25.94 0.51
N MET E 1 -14.08 10.03 24.95
CA MET E 1 -12.87 9.56 24.31
C MET E 1 -13.19 8.27 23.59
N LYS E 2 -12.21 7.69 22.90
CA LYS E 2 -12.50 6.58 22.03
C LYS E 2 -12.34 5.24 22.71
N LYS E 3 -12.95 4.23 22.07
CA LYS E 3 -12.67 2.85 22.38
C LYS E 3 -12.08 2.19 21.14
N TRP E 4 -11.15 1.30 21.37
CA TRP E 4 -10.43 0.56 20.35
C TRP E 4 -10.56 -0.94 20.63
N VAL E 5 -10.76 -1.74 19.60
CA VAL E 5 -10.96 -3.17 19.82
C VAL E 5 -9.84 -3.95 19.13
N CYS E 6 -9.35 -4.96 19.84
CA CYS E 6 -8.37 -5.91 19.30
C CYS E 6 -9.08 -6.83 18.31
N THR E 7 -8.65 -6.78 17.06
CA THR E 7 -9.30 -7.63 16.05
C THR E 7 -8.85 -9.10 16.10
N VAL E 8 -7.97 -9.42 17.03
CA VAL E 8 -7.53 -10.79 17.22
C VAL E 8 -8.30 -11.47 18.31
N CYS E 9 -8.57 -10.78 19.42
CA CYS E 9 -9.27 -11.42 20.54
C CYS E 9 -10.46 -10.69 21.11
N GLY E 10 -10.77 -9.47 20.69
CA GLY E 10 -11.90 -8.79 21.18
C GLY E 10 -11.70 -7.92 22.41
N TYR E 11 -10.48 -7.86 22.95
CA TYR E 11 -10.17 -6.95 24.04
C TYR E 11 -10.51 -5.53 23.64
N ILE E 12 -11.13 -4.75 24.54
CA ILE E 12 -11.41 -3.36 24.32
C ILE E 12 -10.46 -2.47 25.14
N TYR E 13 -9.75 -1.59 24.46
CA TYR E 13 -9.06 -0.51 25.13
C TYR E 13 -9.97 0.73 25.10
N ASP E 14 -10.36 1.19 26.31
CA ASP E 14 -11.22 2.30 26.53
C ASP E 14 -10.37 3.45 27.00
N GLU E 15 -10.22 4.50 26.23
CA GLU E 15 -9.34 5.59 26.59
C GLU E 15 -9.80 6.34 27.84
N ASP E 16 -11.13 6.45 28.04
CA ASP E 16 -11.61 7.26 29.17
C ASP E 16 -11.21 6.52 30.43
N ALA E 17 -11.36 5.20 30.41
CA ALA E 17 -11.07 4.38 31.57
C ALA E 17 -9.57 4.24 31.76
N GLY E 18 -8.85 4.27 30.64
CA GLY E 18 -7.49 3.83 30.64
C GLY E 18 -7.43 2.46 31.25
N ASP E 19 -6.49 2.34 32.16
CA ASP E 19 -6.37 1.03 32.81
C ASP E 19 -5.47 1.17 33.98
N PRO E 20 -5.91 1.94 34.97
CA PRO E 20 -5.03 2.36 36.07
C PRO E 20 -4.46 1.17 36.83
N ASP E 21 -5.20 0.08 36.75
CA ASP E 21 -4.68 -1.21 37.21
C ASP E 21 -3.32 -1.59 36.60
N ASN E 22 -3.05 -1.36 35.33
CA ASN E 22 -1.85 -1.83 34.63
C ASN E 22 -0.91 -0.74 34.16
N GLY E 23 -0.89 0.34 34.95
CA GLY E 23 0.06 1.38 34.66
C GLY E 23 -0.46 2.43 33.70
N ILE E 24 -1.72 2.40 33.27
CA ILE E 24 -2.30 3.32 32.29
C ILE E 24 -3.37 4.20 32.91
N SER E 25 -3.02 5.49 33.01
CA SER E 25 -3.96 6.37 33.72
C SER E 25 -5.22 6.46 32.87
N PRO E 26 -6.33 6.59 33.56
CA PRO E 26 -7.55 6.94 32.80
C PRO E 26 -7.30 8.16 31.94
N GLY E 27 -7.93 8.19 30.78
CA GLY E 27 -7.87 9.28 29.85
C GLY E 27 -6.67 9.23 28.94
N THR E 28 -5.99 8.11 28.87
CA THR E 28 -4.82 7.93 28.00
C THR E 28 -5.27 7.53 26.59
N LYS E 29 -4.92 8.33 25.62
CA LYS E 29 -5.27 8.06 24.21
C LYS E 29 -4.53 6.85 23.72
N PHE E 30 -5.09 6.19 22.77
CA PHE E 30 -4.40 5.00 22.21
C PHE E 30 -3.04 5.34 21.68
N GLU E 31 -2.92 6.50 20.99
CA GLU E 31 -1.63 6.97 20.49
C GLU E 31 -0.62 7.23 21.59
N GLU E 32 -1.06 7.58 22.75
CA GLU E 32 -0.23 7.97 23.88
C GLU E 32 0.36 6.76 24.54
N LEU E 33 -0.27 5.61 24.49
CA LEU E 33 0.25 4.37 25.09
C LEU E 33 1.64 4.16 24.53
N PRO E 34 2.50 3.49 25.31
CA PRO E 34 3.84 3.19 24.81
C PRO E 34 3.80 2.47 23.50
N ASP E 35 4.90 2.68 22.77
CA ASP E 35 5.06 1.91 21.55
C ASP E 35 5.12 0.40 21.83
N ASP E 36 5.66 -0.07 22.99
CA ASP E 36 5.82 -1.53 23.09
C ASP E 36 4.47 -2.08 23.57
N TRP E 37 3.42 -1.25 23.67
CA TRP E 37 2.20 -1.72 24.30
C TRP E 37 1.58 -2.81 23.45
N VAL E 38 1.03 -3.79 24.15
CA VAL E 38 0.37 -4.88 23.47
C VAL E 38 -0.96 -5.18 24.13
N CYS E 39 -1.80 -5.90 23.40
CA CYS E 39 -3.06 -6.34 23.95
C CYS E 39 -2.82 -7.13 25.23
N PRO E 40 -3.40 -6.80 26.36
CA PRO E 40 -3.13 -7.56 27.56
C PRO E 40 -3.78 -8.93 27.58
N LEU E 41 -4.63 -9.25 26.63
CA LEU E 41 -5.20 -10.61 26.55
C LEU E 41 -4.47 -11.49 25.55
N CYS E 42 -4.17 -11.06 24.34
CA CYS E 42 -3.56 -11.92 23.35
C CYS E 42 -2.13 -11.52 22.96
N GLY E 43 -1.66 -10.34 23.40
CA GLY E 43 -0.29 -9.96 23.18
C GLY E 43 0.03 -9.34 21.84
N VAL E 44 -0.97 -9.10 20.96
CA VAL E 44 -0.65 -8.46 19.66
C VAL E 44 -0.44 -6.98 19.81
N GLY E 45 0.19 -6.33 18.86
CA GLY E 45 0.44 -4.90 18.89
C GLY E 45 -0.74 -4.05 18.47
N LYS E 46 -0.54 -2.74 18.58
CA LYS E 46 -1.57 -1.77 18.28
C LYS E 46 -2.04 -1.83 16.84
N ASP E 47 -1.20 -2.33 15.92
CA ASP E 47 -1.57 -2.40 14.50
C ASP E 47 -2.68 -3.40 14.24
N GLN E 48 -3.06 -4.21 15.23
CA GLN E 48 -4.18 -5.12 15.09
C GLN E 48 -5.46 -4.61 15.72
N PHE E 49 -5.45 -3.40 16.24
CA PHE E 49 -6.65 -2.78 16.80
C PHE E 49 -7.33 -1.91 15.74
N GLU E 50 -8.63 -1.72 15.95
CA GLU E 50 -9.42 -0.81 15.10
C GLU E 50 -10.27 0.03 16.01
N LYS E 51 -10.66 1.20 15.53
CA LYS E 51 -11.53 2.08 16.33
C LYS E 51 -12.92 1.44 16.41
N LEU E 52 -13.44 1.36 17.62
CA LEU E 52 -14.74 0.81 17.93
C LEU E 52 -15.82 1.89 18.12
N GLU E 53 -15.43 2.96 18.81
CA GLU E 53 -16.35 4.03 19.16
C GLU E 53 -15.56 5.32 19.25
N ASP E 54 -16.20 6.40 18.84
CA ASP E 54 -15.64 7.74 19.04
C ASP E 54 -16.07 8.31 20.37
N MET F 1 19.06 -20.76 2.67
CA MET F 1 18.16 -20.21 3.69
C MET F 1 17.05 -19.43 3.00
N LYS F 2 16.19 -18.84 3.77
CA LYS F 2 15.01 -18.17 3.26
C LYS F 2 15.24 -16.74 2.89
N LYS F 3 14.34 -16.21 2.06
CA LYS F 3 14.19 -14.78 1.83
C LYS F 3 12.78 -14.38 2.29
N TRP F 4 12.69 -13.23 2.86
CA TRP F 4 11.47 -12.65 3.39
C TRP F 4 11.22 -11.30 2.73
N VAL F 5 10.00 -11.00 2.39
CA VAL F 5 9.67 -9.72 1.75
C VAL F 5 8.68 -8.93 2.57
N CYS F 6 8.96 -7.62 2.61
CA CYS F 6 8.09 -6.65 3.20
C CYS F 6 6.89 -6.44 2.27
N THR F 7 5.67 -6.77 2.76
CA THR F 7 4.48 -6.59 1.95
C THR F 7 3.99 -5.18 1.88
N VAL F 8 4.66 -4.24 2.53
CA VAL F 8 4.36 -2.82 2.43
C VAL F 8 5.20 -2.15 1.36
N CYS F 9 6.50 -2.46 1.28
CA CYS F 9 7.35 -1.73 0.37
C CYS F 9 8.23 -2.59 -0.53
N GLY F 10 8.27 -3.92 -0.36
CA GLY F 10 9.07 -4.77 -1.21
C GLY F 10 10.51 -5.03 -0.82
N TYR F 11 10.94 -4.44 0.34
CA TYR F 11 12.28 -4.77 0.83
C TYR F 11 12.41 -6.28 1.03
N ILE F 12 13.55 -6.85 0.67
CA ILE F 12 13.86 -8.22 0.92
C ILE F 12 14.96 -8.39 1.98
N TYR F 13 14.68 -9.23 2.95
CA TYR F 13 15.70 -9.72 3.89
C TYR F 13 16.10 -11.12 3.44
N ASP F 14 17.38 -11.31 3.15
CA ASP F 14 17.93 -12.56 2.69
C ASP F 14 18.72 -13.17 3.87
N GLU F 15 18.24 -14.28 4.41
CA GLU F 15 18.91 -14.88 5.56
C GLU F 15 20.33 -15.31 5.26
N ASP F 16 20.61 -15.81 4.05
CA ASP F 16 21.99 -16.23 3.77
C ASP F 16 22.93 -15.05 3.80
N ALA F 17 22.53 -13.91 3.22
CA ALA F 17 23.40 -12.74 3.19
C ALA F 17 23.44 -11.99 4.52
N GLY F 18 22.37 -12.06 5.29
CA GLY F 18 22.21 -11.19 6.44
C GLY F 18 22.28 -9.73 6.01
N ASP F 19 22.85 -8.89 6.85
CA ASP F 19 23.02 -7.47 6.52
C ASP F 19 24.16 -6.94 7.36
N PRO F 20 25.38 -7.36 7.04
CA PRO F 20 26.51 -7.11 7.98
C PRO F 20 26.78 -5.62 8.19
N ASP F 21 26.53 -4.75 7.21
CA ASP F 21 26.77 -3.32 7.39
C ASP F 21 25.82 -2.69 8.41
N ASN F 22 24.72 -3.36 8.72
CA ASN F 22 23.79 -2.98 9.78
C ASN F 22 23.86 -3.98 10.94
N GLY F 23 24.98 -4.70 11.04
CA GLY F 23 25.19 -5.52 12.27
C GLY F 23 24.54 -6.89 12.26
N ILE F 24 23.98 -7.30 11.14
CA ILE F 24 23.30 -8.59 11.06
C ILE F 24 24.20 -9.57 10.36
N SER F 25 24.67 -10.58 11.07
CA SER F 25 25.60 -11.53 10.49
C SER F 25 24.96 -12.30 9.34
N PRO F 26 25.77 -12.70 8.34
CA PRO F 26 25.26 -13.64 7.35
C PRO F 26 24.75 -14.90 8.05
N GLY F 27 23.67 -15.49 7.48
CA GLY F 27 23.13 -16.71 8.01
C GLY F 27 22.21 -16.50 9.16
N THR F 28 21.72 -15.28 9.39
CA THR F 28 20.81 -15.02 10.50
C THR F 28 19.37 -15.19 10.04
N LYS F 29 18.66 -16.09 10.69
CA LYS F 29 17.29 -16.33 10.34
C LYS F 29 16.42 -15.12 10.67
N PHE F 30 15.31 -15.00 9.99
CA PHE F 30 14.43 -13.83 10.27
C PHE F 30 13.97 -13.85 11.69
N GLU F 31 13.68 -15.04 12.27
CA GLU F 31 13.32 -15.16 13.68
C GLU F 31 14.42 -14.65 14.60
N GLU F 32 15.66 -14.76 14.17
CA GLU F 32 16.79 -14.38 15.04
C GLU F 32 17.08 -12.91 15.09
N LEU F 33 16.57 -12.14 14.12
CA LEU F 33 16.68 -10.70 14.21
C LEU F 33 15.98 -10.24 15.48
N PRO F 34 16.34 -9.10 16.01
CA PRO F 34 15.64 -8.62 17.23
C PRO F 34 14.14 -8.59 17.06
N ASP F 35 13.39 -8.93 18.14
CA ASP F 35 11.94 -9.10 17.98
C ASP F 35 11.25 -7.85 17.47
N ASP F 36 11.81 -6.67 17.77
CA ASP F 36 11.30 -5.41 17.33
C ASP F 36 12.07 -4.79 16.14
N TRP F 37 12.89 -5.56 15.44
CA TRP F 37 13.46 -5.17 14.14
C TRP F 37 12.33 -4.68 13.24
N VAL F 38 12.69 -3.69 12.41
CA VAL F 38 11.78 -3.13 11.45
C VAL F 38 12.40 -3.06 10.05
N CYS F 39 11.50 -3.04 9.07
CA CYS F 39 11.93 -2.84 7.72
C CYS F 39 12.80 -1.62 7.59
N PRO F 40 14.03 -1.72 7.08
CA PRO F 40 14.90 -0.54 6.98
C PRO F 40 14.44 0.46 5.95
N LEU F 41 13.48 0.14 5.06
CA LEU F 41 12.99 1.05 4.07
C LEU F 41 11.68 1.70 4.52
N CYS F 42 10.68 1.02 5.03
CA CYS F 42 9.42 1.67 5.37
C CYS F 42 9.10 1.67 6.86
N GLY F 43 9.85 0.96 7.71
CA GLY F 43 9.74 0.99 9.14
C GLY F 43 8.70 0.07 9.74
N VAL F 44 8.01 -0.74 8.98
CA VAL F 44 7.04 -1.67 9.55
C VAL F 44 7.73 -2.84 10.25
N GLY F 45 7.00 -3.50 11.16
CA GLY F 45 7.51 -4.61 11.89
C GLY F 45 7.48 -5.91 11.12
N LYS F 46 8.01 -6.96 11.71
CA LYS F 46 8.13 -8.25 11.10
C LYS F 46 6.77 -8.84 10.70
N ASP F 47 5.71 -8.42 11.36
CA ASP F 47 4.39 -8.99 11.06
C ASP F 47 3.87 -8.59 9.68
N GLN F 48 4.50 -7.68 8.98
CA GLN F 48 4.13 -7.32 7.63
C GLN F 48 5.00 -8.03 6.60
N PHE F 49 5.87 -8.89 7.03
CA PHE F 49 6.71 -9.68 6.12
C PHE F 49 6.06 -11.02 5.84
N GLU F 50 6.44 -11.58 4.68
CA GLU F 50 5.98 -12.94 4.34
C GLU F 50 7.18 -13.63 3.71
N LYS F 51 7.17 -14.97 3.76
CA LYS F 51 8.23 -15.77 3.18
C LYS F 51 8.16 -15.64 1.66
N LEU F 52 9.27 -15.29 1.04
CA LEU F 52 9.40 -15.14 -0.40
C LEU F 52 9.98 -16.41 -1.03
N GLU F 53 11.00 -16.98 -0.44
CA GLU F 53 11.70 -18.13 -0.98
C GLU F 53 12.16 -19.00 0.18
N ASP F 54 12.22 -20.32 -0.04
CA ASP F 54 12.83 -21.23 0.91
C ASP F 54 14.33 -21.39 0.60
N MET G 1 -26.57 7.04 10.31
CA MET G 1 -26.01 5.72 9.93
C MET G 1 -24.49 5.83 9.80
N LYS G 2 -23.86 4.69 9.50
CA LYS G 2 -22.43 4.61 9.60
C LYS G 2 -21.76 5.07 8.32
N LYS G 3 -20.49 5.44 8.46
CA LYS G 3 -19.58 5.58 7.32
C LYS G 3 -18.47 4.53 7.40
N TRP G 4 -18.06 4.05 6.27
CA TRP G 4 -17.01 3.03 6.13
C TRP G 4 -15.93 3.56 5.22
N VAL G 5 -14.68 3.30 5.50
CA VAL G 5 -13.56 3.75 4.72
C VAL G 5 -12.75 2.59 4.18
N CYS G 6 -12.39 2.74 2.90
CA CYS G 6 -11.47 1.84 2.24
C CYS G 6 -10.06 2.06 2.77
N THR G 7 -9.47 1.03 3.36
CA THR G 7 -8.13 1.13 3.90
C THR G 7 -7.03 0.99 2.87
N VAL G 8 -7.40 0.81 1.62
CA VAL G 8 -6.48 0.84 0.52
C VAL G 8 -6.39 2.23 -0.12
N CYS G 9 -7.50 2.93 -0.29
CA CYS G 9 -7.46 4.17 -1.04
C CYS G 9 -8.17 5.35 -0.41
N GLY G 10 -8.88 5.19 0.69
CA GLY G 10 -9.55 6.28 1.34
C GLY G 10 -10.97 6.62 0.87
N TYR G 11 -11.48 5.84 -0.10
CA TYR G 11 -12.89 6.01 -0.46
C TYR G 11 -13.79 5.84 0.77
N ILE G 12 -14.82 6.64 0.87
CA ILE G 12 -15.79 6.51 1.91
C ILE G 12 -17.18 6.12 1.33
N TYR G 13 -17.75 5.09 1.93
CA TYR G 13 -19.13 4.70 1.72
C TYR G 13 -19.94 5.22 2.92
N ASP G 14 -20.92 6.07 2.65
CA ASP G 14 -21.79 6.66 3.65
C ASP G 14 -23.15 6.02 3.54
N GLU G 15 -23.54 5.29 4.59
CA GLU G 15 -24.84 4.61 4.57
C GLU G 15 -26.01 5.55 4.41
N ASP G 16 -25.94 6.73 5.00
CA ASP G 16 -27.09 7.65 4.89
C ASP G 16 -27.31 8.04 3.47
N ALA G 17 -26.21 8.36 2.80
CA ALA G 17 -26.33 8.83 1.43
C ALA G 17 -26.55 7.72 0.44
N GLY G 18 -26.06 6.52 0.74
CA GLY G 18 -25.98 5.50 -0.27
C GLY G 18 -25.11 5.98 -1.42
N ASP G 19 -25.46 5.57 -2.65
CA ASP G 19 -24.75 6.00 -3.85
C ASP G 19 -25.72 5.85 -5.03
N PRO G 20 -26.76 6.69 -5.04
CA PRO G 20 -27.86 6.46 -5.98
C PRO G 20 -27.40 6.42 -7.44
N ASP G 21 -26.39 7.21 -7.78
CA ASP G 21 -26.00 7.18 -9.21
C ASP G 21 -25.50 5.81 -9.62
N ASN G 22 -24.99 5.02 -8.69
CA ASN G 22 -24.56 3.67 -8.98
C ASN G 22 -25.52 2.64 -8.43
N GLY G 23 -26.76 3.06 -8.31
CA GLY G 23 -27.79 2.11 -8.03
C GLY G 23 -27.96 1.77 -6.57
N ILE G 24 -27.34 2.52 -5.68
CA ILE G 24 -27.45 2.18 -4.26
C ILE G 24 -28.30 3.17 -3.54
N SER G 25 -29.48 2.76 -3.08
CA SER G 25 -30.38 3.74 -2.50
C SER G 25 -29.89 4.34 -1.21
N PRO G 26 -30.29 5.56 -0.90
CA PRO G 26 -29.93 6.14 0.40
C PRO G 26 -30.39 5.18 1.51
N GLY G 27 -29.62 5.15 2.62
CA GLY G 27 -29.96 4.36 3.78
C GLY G 27 -29.58 2.91 3.69
N THR G 28 -28.71 2.55 2.73
CA THR G 28 -28.27 1.16 2.57
C THR G 28 -27.08 0.89 3.44
N LYS G 29 -27.26 -0.05 4.37
CA LYS G 29 -26.17 -0.45 5.22
C LYS G 29 -25.05 -1.04 4.35
N PHE G 30 -23.80 -0.96 4.82
CA PHE G 30 -22.68 -1.55 4.13
C PHE G 30 -22.87 -3.05 3.92
N GLU G 31 -23.48 -3.70 4.91
CA GLU G 31 -23.77 -5.11 4.75
C GLU G 31 -24.76 -5.41 3.64
N GLU G 32 -25.63 -4.50 3.33
CA GLU G 32 -26.72 -4.68 2.35
C GLU G 32 -26.25 -4.49 0.91
N LEU G 33 -25.08 -3.89 0.69
CA LEU G 33 -24.51 -3.80 -0.65
C LEU G 33 -24.28 -5.24 -1.12
N PRO G 34 -24.25 -5.46 -2.42
CA PRO G 34 -24.00 -6.83 -2.88
C PRO G 34 -22.74 -7.41 -2.28
N ASP G 35 -22.75 -8.71 -2.04
CA ASP G 35 -21.61 -9.31 -1.31
C ASP G 35 -20.27 -9.19 -2.02
N ASP G 36 -20.34 -9.10 -3.34
CA ASP G 36 -19.08 -8.91 -4.06
C ASP G 36 -18.87 -7.47 -4.52
N TRP G 37 -19.61 -6.52 -3.92
CA TRP G 37 -19.38 -5.09 -4.16
C TRP G 37 -17.92 -4.80 -3.95
N VAL G 38 -17.37 -3.86 -4.70
CA VAL G 38 -15.97 -3.44 -4.57
C VAL G 38 -15.89 -1.93 -4.50
N CYS G 39 -14.77 -1.47 -3.91
CA CYS G 39 -14.47 -0.08 -3.88
C CYS G 39 -14.53 0.52 -5.28
N PRO G 40 -15.34 1.55 -5.49
CA PRO G 40 -15.40 2.11 -6.85
C PRO G 40 -14.14 2.80 -7.32
N LEU G 41 -13.24 3.08 -6.41
CA LEU G 41 -12.04 3.79 -6.77
C LEU G 41 -10.91 2.81 -6.97
N CYS G 42 -10.66 1.85 -6.08
CA CYS G 42 -9.52 0.95 -6.21
C CYS G 42 -9.89 -0.52 -6.50
N GLY G 43 -11.14 -0.88 -6.39
CA GLY G 43 -11.58 -2.22 -6.74
C GLY G 43 -11.40 -3.27 -5.67
N VAL G 44 -10.98 -2.98 -4.46
CA VAL G 44 -10.84 -3.99 -3.44
C VAL G 44 -12.20 -4.33 -2.88
N GLY G 45 -12.29 -5.53 -2.29
CA GLY G 45 -13.52 -5.95 -1.67
C GLY G 45 -13.81 -5.39 -0.30
N LYS G 46 -15.01 -5.74 0.22
CA LYS G 46 -15.49 -5.20 1.48
C LYS G 46 -14.55 -5.51 2.65
N ASP G 47 -13.78 -6.59 2.57
CA ASP G 47 -12.94 -6.98 3.71
C ASP G 47 -11.77 -6.06 3.91
N GLN G 48 -11.52 -5.09 3.05
CA GLN G 48 -10.50 -4.07 3.27
C GLN G 48 -11.11 -2.76 3.76
N PHE G 49 -12.38 -2.73 4.05
CA PHE G 49 -13.00 -1.54 4.65
C PHE G 49 -13.02 -1.69 6.16
N GLU G 50 -13.07 -0.52 6.80
CA GLU G 50 -13.26 -0.47 8.26
C GLU G 50 -14.30 0.60 8.57
N LYS G 51 -14.95 0.46 9.72
CA LYS G 51 -15.88 1.50 10.14
C LYS G 51 -15.12 2.79 10.39
N LEU G 52 -15.59 3.89 9.80
CA LEU G 52 -15.05 5.23 10.00
C LEU G 52 -15.78 5.99 11.11
N GLU G 53 -17.12 5.88 11.11
CA GLU G 53 -17.90 6.54 12.16
C GLU G 53 -19.23 5.86 12.26
N ASP G 54 -19.81 5.99 13.45
CA ASP G 54 -21.15 5.54 13.69
C ASP G 54 -22.17 6.57 13.22
N MET H 1 5.28 -27.32 -8.71
CA MET H 1 4.45 -26.10 -8.67
C MET H 1 4.23 -25.71 -7.20
N LYS H 2 3.47 -24.63 -7.00
CA LYS H 2 3.34 -24.05 -5.65
C LYS H 2 2.30 -24.75 -4.81
N LYS H 3 2.46 -24.61 -3.49
CA LYS H 3 1.40 -24.80 -2.55
C LYS H 3 1.05 -23.46 -1.89
N TRP H 4 -0.23 -23.28 -1.60
CA TRP H 4 -0.80 -22.10 -1.01
C TRP H 4 -1.54 -22.44 0.23
N VAL H 5 -1.37 -21.69 1.30
CA VAL H 5 -2.02 -21.99 2.59
C VAL H 5 -3.00 -20.89 2.97
N CYS H 6 -4.15 -21.33 3.43
CA CYS H 6 -5.14 -20.44 4.04
C CYS H 6 -4.66 -19.95 5.37
N THR H 7 -4.49 -18.66 5.56
CA THR H 7 -3.98 -18.13 6.81
C THR H 7 -5.08 -18.01 7.86
N VAL H 8 -6.32 -18.35 7.54
CA VAL H 8 -7.40 -18.42 8.52
C VAL H 8 -7.48 -19.81 9.12
N CYS H 9 -7.32 -20.88 8.37
CA CYS H 9 -7.58 -22.22 8.85
C CYS H 9 -6.56 -23.28 8.54
N GLY H 10 -5.54 -22.99 7.74
CA GLY H 10 -4.54 -23.99 7.44
C GLY H 10 -4.81 -24.93 6.29
N TYR H 11 -5.91 -24.78 5.59
CA TYR H 11 -6.17 -25.51 4.34
C TYR H 11 -5.03 -25.23 3.37
N ILE H 12 -4.63 -26.26 2.60
CA ILE H 12 -3.63 -26.12 1.57
C ILE H 12 -4.23 -26.42 0.21
N TYR H 13 -3.98 -25.53 -0.77
CA TYR H 13 -4.20 -25.78 -2.16
C TYR H 13 -2.82 -26.11 -2.78
N ASP H 14 -2.68 -27.31 -3.34
CA ASP H 14 -1.48 -27.77 -3.98
C ASP H 14 -1.69 -27.73 -5.49
N GLU H 15 -0.97 -26.87 -6.17
CA GLU H 15 -1.12 -26.72 -7.60
C GLU H 15 -0.81 -28.03 -8.34
N ASP H 16 0.16 -28.80 -7.87
CA ASP H 16 0.50 -30.03 -8.59
C ASP H 16 -0.64 -31.02 -8.54
N ALA H 17 -1.26 -31.20 -7.39
CA ALA H 17 -2.38 -32.11 -7.27
C ALA H 17 -3.66 -31.56 -7.87
N GLY H 18 -3.80 -30.23 -7.87
CA GLY H 18 -5.08 -29.69 -8.15
C GLY H 18 -6.13 -30.13 -7.16
N ASP H 19 -7.38 -30.35 -7.59
CA ASP H 19 -8.43 -30.84 -6.77
C ASP H 19 -9.49 -31.47 -7.67
N PRO H 20 -9.16 -32.60 -8.26
CA PRO H 20 -10.00 -33.17 -9.31
C PRO H 20 -11.40 -33.52 -8.86
N ASP H 21 -11.56 -33.92 -7.59
CA ASP H 21 -12.91 -34.22 -7.11
C ASP H 21 -13.84 -33.04 -7.36
N ASN H 22 -13.32 -31.80 -7.19
CA ASN H 22 -14.08 -30.57 -7.28
C ASN H 22 -13.84 -29.87 -8.61
N GLY H 23 -13.42 -30.60 -9.65
CA GLY H 23 -13.34 -30.02 -10.94
C GLY H 23 -12.07 -29.26 -11.28
N ILE H 24 -11.02 -29.41 -10.47
CA ILE H 24 -9.76 -28.70 -10.71
C ILE H 24 -8.70 -29.73 -11.14
N SER H 25 -8.24 -29.61 -12.37
CA SER H 25 -7.26 -30.55 -12.86
C SER H 25 -5.92 -30.42 -12.12
N PRO H 26 -5.16 -31.50 -12.06
CA PRO H 26 -3.79 -31.35 -11.55
C PRO H 26 -3.04 -30.36 -12.40
N GLY H 27 -2.08 -29.68 -11.74
CA GLY H 27 -1.22 -28.74 -12.39
C GLY H 27 -1.91 -27.44 -12.69
N THR H 28 -2.88 -27.03 -11.89
CA THR H 28 -3.64 -25.81 -12.07
C THR H 28 -3.14 -24.73 -11.10
N LYS H 29 -2.68 -23.63 -11.61
CA LYS H 29 -2.16 -22.54 -10.77
C LYS H 29 -3.31 -21.93 -9.95
N PHE H 30 -2.95 -21.40 -8.77
CA PHE H 30 -3.95 -20.76 -7.90
C PHE H 30 -4.65 -19.61 -8.60
N GLU H 31 -3.94 -18.85 -9.43
CA GLU H 31 -4.50 -17.76 -10.18
C GLU H 31 -5.59 -18.21 -11.14
N GLU H 32 -5.59 -19.45 -11.56
CA GLU H 32 -6.49 -19.97 -12.56
C GLU H 32 -7.89 -20.17 -11.98
N LEU H 33 -7.97 -20.51 -10.69
CA LEU H 33 -9.22 -20.89 -10.12
C LEU H 33 -10.23 -19.75 -10.25
N PRO H 34 -11.49 -20.13 -10.34
CA PRO H 34 -12.51 -19.09 -10.50
C PRO H 34 -12.42 -18.00 -9.45
N ASP H 35 -12.82 -16.82 -9.86
CA ASP H 35 -12.73 -15.69 -8.97
C ASP H 35 -13.57 -15.89 -7.74
N ASP H 36 -14.65 -16.68 -7.77
CA ASP H 36 -15.49 -16.84 -6.59
C ASP H 36 -15.08 -18.07 -5.79
N TRP H 37 -13.99 -18.75 -6.13
CA TRP H 37 -13.45 -19.83 -5.34
C TRP H 37 -13.13 -19.35 -3.94
N VAL H 38 -13.44 -20.18 -2.96
CA VAL H 38 -13.17 -19.89 -1.56
C VAL H 38 -12.51 -21.12 -0.92
N CYS H 39 -11.87 -20.87 0.24
CA CYS H 39 -11.34 -21.97 1.02
C CYS H 39 -12.41 -23.02 1.28
N PRO H 40 -12.17 -24.28 0.91
CA PRO H 40 -13.14 -25.35 1.15
C PRO H 40 -13.47 -25.58 2.61
N LEU H 41 -12.58 -25.20 3.51
CA LEU H 41 -12.75 -25.51 4.91
C LEU H 41 -13.31 -24.35 5.70
N CYS H 42 -12.89 -23.10 5.44
CA CYS H 42 -13.42 -21.97 6.20
C CYS H 42 -14.17 -20.94 5.38
N GLY H 43 -14.14 -21.02 4.06
CA GLY H 43 -14.93 -20.12 3.21
C GLY H 43 -14.34 -18.79 2.90
N VAL H 44 -13.13 -18.46 3.36
CA VAL H 44 -12.54 -17.16 3.03
C VAL H 44 -12.04 -17.12 1.58
N GLY H 45 -11.85 -15.92 1.05
CA GLY H 45 -11.37 -15.79 -0.31
C GLY H 45 -9.84 -15.92 -0.44
N LYS H 46 -9.41 -15.84 -1.70
CA LYS H 46 -8.00 -16.04 -2.04
C LYS H 46 -7.08 -15.01 -1.38
N ASP H 47 -7.62 -13.84 -1.06
CA ASP H 47 -6.77 -12.79 -0.48
C ASP H 47 -6.29 -13.11 0.93
N GLN H 48 -6.82 -14.17 1.55
CA GLN H 48 -6.33 -14.64 2.86
C GLN H 48 -5.38 -15.80 2.73
N PHE H 49 -4.98 -16.16 1.53
CA PHE H 49 -3.99 -17.20 1.30
C PHE H 49 -2.62 -16.57 1.14
N GLU H 50 -1.60 -17.35 1.43
CA GLU H 50 -0.22 -16.98 1.15
C GLU H 50 0.51 -18.15 0.53
N LYS H 51 1.59 -17.89 -0.18
CA LYS H 51 2.38 -18.96 -0.73
C LYS H 51 3.03 -19.73 0.39
N LEU H 52 2.89 -21.01 0.41
CA LEU H 52 3.53 -21.92 1.34
C LEU H 52 4.86 -22.39 0.84
N GLU H 53 4.94 -22.84 -0.39
CA GLU H 53 6.19 -23.30 -0.96
C GLU H 53 6.14 -23.14 -2.46
N ASP H 54 7.30 -23.04 -3.05
CA ASP H 54 7.48 -23.13 -4.47
C ASP H 54 7.56 -24.60 -4.95
#